data_1QLL
#
_entry.id   1QLL
#
_cell.length_a   46.190
_cell.length_b   60.360
_cell.length_c   58.740
_cell.angle_alpha   90.00
_cell.angle_beta   96.05
_cell.angle_gamma   90.00
#
_symmetry.space_group_name_H-M   'P 1 21 1'
#
loop_
_entity.id
_entity.type
_entity.pdbx_description
1 polymer 'PHOSPHOLIPASE A2'
2 non-polymer 'N-TRIDECANOIC ACID'
3 water water
#
_entity_poly.entity_id   1
_entity_poly.type   'polypeptide(L)'
_entity_poly.pdbx_seq_one_letter_code
;SLFELGKMILQETGKNPAKSYGAYGCNCGVLGRGKPKDATDRCCYVHKCCYKKLTGCNPKKDRYSYSWKDKTIVCGENNP
CLKELCECDKAVAICLRENLGTYNKKYRYHLKPFCKKADKC
;
_entity_poly.pdbx_strand_id   A,B
#
# COMPACT_ATOMS: atom_id res chain seq x y z
N SER A 1 5.56 -13.52 9.72
CA SER A 1 6.43 -12.91 10.79
C SER A 1 6.19 -11.43 10.92
N LEU A 2 6.80 -10.70 11.87
CA LEU A 2 6.64 -9.26 11.90
C LEU A 2 6.77 -8.57 10.55
N PHE A 3 7.60 -9.02 9.61
CA PHE A 3 7.78 -8.34 8.34
C PHE A 3 6.50 -8.39 7.50
N GLU A 4 5.87 -9.57 7.44
CA GLU A 4 4.62 -9.67 6.71
C GLU A 4 3.49 -8.86 7.42
N LEU A 5 3.41 -9.02 8.73
CA LEU A 5 2.41 -8.27 9.52
C LEU A 5 2.53 -6.78 9.23
N GLY A 6 3.73 -6.19 9.33
CA GLY A 6 3.91 -4.77 9.14
C GLY A 6 3.51 -4.36 7.72
N LYS A 7 3.97 -5.15 6.73
CA LYS A 7 3.61 -4.84 5.34
C LYS A 7 2.09 -4.78 5.14
N MET A 8 1.37 -5.79 5.61
CA MET A 8 -0.08 -5.84 5.52
C MET A 8 -0.70 -4.57 6.15
N ILE A 9 -0.20 -4.15 7.31
CA ILE A 9 -0.79 -2.99 7.98
C ILE A 9 -0.56 -1.78 7.10
N LEU A 10 0.66 -1.61 6.54
CA LEU A 10 0.94 -0.48 5.67
C LEU A 10 0.03 -0.51 4.43
N GLN A 11 -0.08 -1.69 3.81
CA GLN A 11 -0.92 -1.75 2.60
C GLN A 11 -2.37 -1.37 2.90
N GLU A 12 -2.93 -1.93 3.96
CA GLU A 12 -4.34 -1.59 4.27
C GLU A 12 -4.55 -0.17 4.76
N THR A 13 -3.78 0.29 5.78
CA THR A 13 -3.99 1.63 6.34
C THR A 13 -3.31 2.79 5.66
N GLY A 14 -2.21 2.54 4.93
CA GLY A 14 -1.39 3.62 4.38
C GLY A 14 -0.50 4.18 5.51
N LYS A 15 -0.45 3.68 6.73
CA LYS A 15 0.32 4.26 7.83
C LYS A 15 1.56 3.43 8.16
N ASN A 16 2.60 4.06 8.65
CA ASN A 16 3.85 3.38 9.05
C ASN A 16 3.48 2.55 10.25
N PRO A 17 3.49 1.24 10.20
CA PRO A 17 3.01 0.38 11.27
C PRO A 17 3.77 0.41 12.59
N ALA A 18 5.10 0.50 12.50
CA ALA A 18 5.90 0.50 13.73
C ALA A 18 5.55 1.72 14.58
N LYS A 19 5.49 2.85 13.95
CA LYS A 19 5.18 4.10 14.54
C LYS A 19 3.73 4.22 15.03
N SER A 20 2.76 3.85 14.19
CA SER A 20 1.37 4.03 14.60
C SER A 20 0.88 2.95 15.53
N TYR A 21 1.38 1.73 15.42
CA TYR A 21 0.85 0.62 16.14
C TYR A 21 1.87 -0.16 16.90
N GLY A 22 3.18 0.15 16.80
CA GLY A 22 4.14 -0.66 17.58
C GLY A 22 4.08 -0.58 19.08
N ALA A 23 3.46 0.46 19.66
CA ALA A 23 3.23 0.49 21.11
C ALA A 23 1.83 1.02 21.48
N TYR A 24 0.86 0.90 20.61
CA TYR A 24 -0.48 1.51 20.81
C TYR A 24 -1.29 0.79 21.87
N GLY A 25 -1.83 1.59 22.79
CA GLY A 25 -2.73 1.07 23.82
C GLY A 25 -2.21 -0.05 24.63
N CYS A 26 -3.04 -0.94 25.16
CA CYS A 26 -2.63 -2.05 25.98
C CYS A 26 -2.35 -3.30 25.20
N ASN A 27 -2.67 -3.38 23.89
CA ASN A 27 -2.53 -4.68 23.19
C ASN A 27 -1.82 -4.57 21.84
N CYS A 28 -1.59 -3.42 21.25
CA CYS A 28 -1.00 -3.43 19.93
C CYS A 28 0.54 -3.44 20.08
N GLY A 29 1.17 -4.31 19.30
CA GLY A 29 2.61 -4.29 19.22
C GLY A 29 3.29 -5.15 20.26
N VAL A 30 4.28 -4.50 20.89
CA VAL A 30 5.10 -5.20 21.88
C VAL A 30 4.25 -5.63 23.07
N LEU A 31 4.77 -6.60 23.81
CA LEU A 31 4.20 -7.07 25.07
C LEU A 31 2.93 -7.87 24.87
N GLY A 32 2.18 -8.21 25.90
CA GLY A 32 1.01 -9.08 25.71
C GLY A 32 -0.25 -8.20 25.56
N ARG A 33 -1.28 -8.66 26.23
CA ARG A 33 -2.59 -8.03 26.24
C ARG A 33 -2.92 -7.34 27.57
N GLY A 34 -3.96 -6.56 27.57
CA GLY A 34 -4.52 -5.87 28.70
C GLY A 34 -5.92 -5.40 28.29
N LYS A 35 -6.57 -4.68 29.19
CA LYS A 35 -7.91 -4.16 28.90
C LYS A 35 -7.82 -3.20 27.74
N PRO A 36 -8.62 -3.37 26.69
CA PRO A 36 -8.53 -2.49 25.55
C PRO A 36 -8.87 -1.07 25.85
N LYS A 37 -8.25 -0.10 25.21
CA LYS A 37 -8.64 1.29 25.38
C LYS A 37 -9.67 1.80 24.41
N ASP A 38 -9.76 1.18 23.24
CA ASP A 38 -10.62 1.70 22.17
C ASP A 38 -10.67 0.59 21.12
N ALA A 39 -11.32 0.87 20.01
CA ALA A 39 -11.56 -0.19 18.99
C ALA A 39 -10.25 -0.58 18.28
N THR A 40 -9.37 0.37 17.94
CA THR A 40 -8.05 -0.04 17.39
C THR A 40 -7.42 -1.00 18.38
N ASP A 41 -7.38 -0.70 19.68
CA ASP A 41 -6.76 -1.58 20.67
C ASP A 41 -7.43 -2.92 20.77
N ARG A 42 -8.75 -3.00 20.62
CA ARG A 42 -9.51 -4.26 20.61
C ARG A 42 -9.18 -5.09 19.38
N CYS A 43 -8.88 -4.39 18.25
CA CYS A 43 -8.38 -5.21 17.09
C CYS A 43 -7.13 -6.03 17.45
N CYS A 44 -6.19 -5.35 18.10
CA CYS A 44 -4.93 -5.97 18.56
C CYS A 44 -5.15 -6.97 19.67
N TYR A 45 -6.17 -6.82 20.51
CA TYR A 45 -6.53 -7.84 21.51
C TYR A 45 -6.95 -9.11 20.81
N VAL A 46 -7.83 -9.02 19.81
CA VAL A 46 -8.34 -10.21 19.08
C VAL A 46 -7.23 -10.95 18.35
N HIS A 47 -6.38 -10.16 17.72
CA HIS A 47 -5.18 -10.65 17.04
C HIS A 47 -4.28 -11.46 17.96
N LYS A 48 -3.95 -10.93 19.16
CA LYS A 48 -3.11 -11.73 20.08
C LYS A 48 -3.77 -13.00 20.56
N CYS A 49 -5.11 -12.98 20.73
CA CYS A 49 -5.85 -14.18 21.04
C CYS A 49 -5.85 -15.10 19.82
N CYS A 50 -5.81 -14.52 18.61
CA CYS A 50 -5.71 -15.36 17.40
C CYS A 50 -4.40 -16.13 17.41
N TYR A 51 -3.32 -15.49 17.89
CA TYR A 51 -2.02 -16.17 17.94
C TYR A 51 -2.01 -17.33 18.93
N LYS A 52 -2.81 -17.27 19.99
CA LYS A 52 -2.81 -18.32 21.02
C LYS A 52 -3.23 -19.68 20.50
N LYS A 53 -3.98 -19.74 19.42
CA LYS A 53 -4.35 -21.00 18.80
C LYS A 53 -3.26 -21.52 17.88
N LEU A 54 -2.22 -20.78 17.56
CA LEU A 54 -1.19 -21.30 16.69
C LEU A 54 -0.28 -22.30 17.41
N THR A 55 -0.52 -23.49 16.86
CA THR A 55 0.21 -24.68 17.21
C THR A 55 1.72 -24.53 17.17
N GLY A 56 2.51 -25.05 16.27
CA GLY A 56 3.97 -24.99 16.45
C GLY A 56 4.75 -23.88 15.81
N CYS A 57 4.07 -23.04 15.01
CA CYS A 57 4.87 -22.03 14.30
C CYS A 57 5.06 -20.78 15.13
N ASN A 58 5.95 -19.91 14.71
CA ASN A 58 6.39 -18.72 15.44
C ASN A 58 5.83 -17.45 14.78
N PRO A 59 4.89 -16.80 15.44
CA PRO A 59 4.21 -15.65 14.89
C PRO A 59 5.18 -14.51 14.64
N LYS A 60 6.16 -14.33 15.54
CA LYS A 60 7.14 -13.27 15.38
C LYS A 60 8.14 -13.52 14.28
N LYS A 61 8.71 -14.73 14.17
CA LYS A 61 9.77 -14.94 13.20
C LYS A 61 9.47 -15.79 11.99
N ASP A 62 8.45 -16.62 11.92
CA ASP A 62 8.30 -17.42 10.69
C ASP A 62 7.72 -16.59 9.55
N ARG A 63 8.33 -16.63 8.39
CA ARG A 63 7.86 -15.96 7.19
C ARG A 63 6.80 -16.81 6.51
N TYR A 64 5.93 -16.23 5.71
CA TYR A 64 4.91 -17.01 5.01
C TYR A 64 4.61 -16.26 3.74
N SER A 65 3.98 -16.82 2.73
CA SER A 65 3.72 -15.97 1.57
C SER A 65 2.24 -15.56 1.50
N TYR A 66 2.08 -14.41 0.89
CA TYR A 66 0.77 -13.84 0.66
C TYR A 66 0.96 -12.87 -0.48
N SER A 67 -0.09 -12.43 -1.12
CA SER A 67 0.12 -11.41 -2.15
C SER A 67 -0.98 -10.37 -1.98
N TRP A 68 -0.73 -9.21 -2.52
CA TRP A 68 -1.60 -8.05 -2.53
C TRP A 68 -2.22 -8.08 -3.92
N LYS A 69 -3.36 -8.68 -4.06
CA LYS A 69 -4.03 -8.89 -5.36
C LYS A 69 -5.33 -8.13 -5.47
N ASP A 70 -5.47 -7.17 -6.36
CA ASP A 70 -6.56 -6.22 -6.47
C ASP A 70 -6.94 -5.63 -5.12
N LYS A 71 -5.87 -5.11 -4.46
CA LYS A 71 -5.93 -4.43 -3.19
C LYS A 71 -6.58 -5.27 -2.12
N THR A 72 -6.25 -6.57 -2.10
CA THR A 72 -6.76 -7.41 -1.04
C THR A 72 -5.63 -8.36 -0.67
N ILE A 73 -5.56 -8.68 0.61
CA ILE A 73 -4.56 -9.57 1.14
C ILE A 73 -4.99 -11.00 0.86
N VAL A 74 -4.16 -11.76 0.13
CA VAL A 74 -4.57 -13.15 -0.08
C VAL A 74 -3.46 -14.07 0.40
N CYS A 75 -3.80 -14.80 1.44
CA CYS A 75 -2.89 -15.74 2.08
C CYS A 75 -2.53 -16.89 1.15
N GLY A 76 -1.25 -17.09 0.90
CA GLY A 76 -0.78 -18.18 0.05
C GLY A 76 -1.00 -19.50 0.78
N GLU A 77 -0.75 -20.58 0.06
CA GLU A 77 -0.96 -21.94 0.56
C GLU A 77 -0.18 -22.21 1.83
N ASN A 78 1.14 -22.17 1.82
CA ASN A 78 1.95 -22.47 3.00
C ASN A 78 1.45 -23.72 3.74
N ASN A 79 1.95 -23.93 4.96
CA ASN A 79 1.48 -25.07 5.75
C ASN A 79 0.30 -24.66 6.61
N PRO A 80 -0.30 -25.62 7.31
CA PRO A 80 -1.44 -25.36 8.19
C PRO A 80 -1.23 -24.22 9.15
N CYS A 81 -0.16 -24.29 9.97
CA CYS A 81 0.10 -23.22 10.94
C CYS A 81 0.36 -21.86 10.32
N LEU A 82 1.21 -21.77 9.29
CA LEU A 82 1.51 -20.52 8.63
C LEU A 82 0.28 -19.89 7.95
N LYS A 83 -0.67 -20.71 7.55
CA LYS A 83 -1.87 -20.27 6.90
C LYS A 83 -2.78 -19.55 7.90
N GLU A 84 -2.94 -20.13 9.05
CA GLU A 84 -3.74 -19.56 10.12
C GLU A 84 -3.03 -18.29 10.65
N LEU A 85 -1.70 -18.32 10.64
CA LEU A 85 -0.91 -17.18 11.06
C LEU A 85 -1.18 -15.99 10.14
N CYS A 86 -1.11 -16.26 8.84
CA CYS A 86 -1.36 -15.25 7.82
C CYS A 86 -2.80 -14.75 8.02
N GLU A 87 -3.76 -15.64 8.26
CA GLU A 87 -5.17 -15.23 8.43
C GLU A 87 -5.33 -14.36 9.68
N CYS A 88 -4.68 -14.65 10.81
CA CYS A 88 -4.68 -13.74 11.95
C CYS A 88 -4.23 -12.36 11.56
N ASP A 89 -3.10 -12.27 10.86
CA ASP A 89 -2.46 -11.01 10.50
C ASP A 89 -3.32 -10.27 9.51
N LYS A 90 -3.92 -10.95 8.54
CA LYS A 90 -4.77 -10.21 7.58
C LYS A 90 -5.92 -9.57 8.35
N ALA A 91 -6.52 -10.34 9.28
CA ALA A 91 -7.70 -9.78 9.98
C ALA A 91 -7.38 -8.58 10.86
N VAL A 92 -6.18 -8.54 11.50
CA VAL A 92 -5.88 -7.35 12.29
C VAL A 92 -5.62 -6.23 11.35
N ALA A 93 -4.98 -6.46 10.18
CA ALA A 93 -4.73 -5.28 9.33
C ALA A 93 -5.99 -4.63 8.82
N ILE A 94 -6.98 -5.40 8.44
CA ILE A 94 -8.29 -4.93 8.00
C ILE A 94 -8.97 -4.22 9.20
N CYS A 95 -8.95 -4.83 10.36
CA CYS A 95 -9.58 -4.17 11.53
C CYS A 95 -8.94 -2.83 11.87
N LEU A 96 -7.60 -2.77 11.84
CA LEU A 96 -6.94 -1.48 12.08
C LEU A 96 -7.41 -0.50 11.07
N ARG A 97 -7.57 -0.88 9.78
CA ARG A 97 -7.98 0.13 8.82
C ARG A 97 -9.44 0.61 9.02
N GLU A 98 -10.26 -0.36 9.37
CA GLU A 98 -11.70 -0.07 9.62
C GLU A 98 -11.88 0.95 10.73
N ASN A 99 -11.02 0.92 11.75
CA ASN A 99 -11.13 1.79 12.91
C ASN A 99 -10.22 2.98 12.96
N LEU A 100 -9.74 3.37 11.79
CA LEU A 100 -8.88 4.54 11.68
C LEU A 100 -9.58 5.83 12.12
N GLY A 101 -10.90 5.91 11.95
CA GLY A 101 -11.70 7.05 12.31
C GLY A 101 -11.58 7.38 13.79
N THR A 102 -11.37 6.44 14.69
CA THR A 102 -11.25 6.67 16.08
C THR A 102 -9.83 6.51 16.61
N TYR A 103 -8.81 6.38 15.77
CA TYR A 103 -7.42 6.18 16.22
C TYR A 103 -7.08 7.39 17.12
N ASN A 104 -6.51 7.23 18.28
CA ASN A 104 -6.18 8.38 19.16
C ASN A 104 -4.66 8.45 19.43
N LYS A 105 -4.01 9.51 19.01
CA LYS A 105 -2.58 9.74 19.14
C LYS A 105 -2.12 9.69 20.59
N LYS A 106 -3.02 9.98 21.53
CA LYS A 106 -2.67 9.89 22.94
C LYS A 106 -2.35 8.48 23.36
N TYR A 107 -2.75 7.41 22.66
CA TYR A 107 -2.38 6.06 23.07
C TYR A 107 -1.22 5.52 22.24
N ARG A 108 -0.75 6.29 21.29
CA ARG A 108 0.33 5.83 20.39
C ARG A 108 1.52 5.22 21.12
N TYR A 109 2.04 5.92 22.13
CA TYR A 109 3.17 5.35 22.91
C TYR A 109 2.70 5.02 24.31
N HIS A 110 1.81 4.04 24.46
CA HIS A 110 1.17 3.78 25.72
C HIS A 110 2.05 3.14 26.78
N LEU A 111 1.85 3.49 28.05
CA LEU A 111 2.70 2.84 29.07
C LEU A 111 2.03 1.54 29.44
N LYS A 112 2.44 0.46 28.79
CA LYS A 112 1.77 -0.83 28.95
C LYS A 112 1.79 -1.46 30.30
N PRO A 113 2.91 -1.41 31.07
CA PRO A 113 2.93 -1.94 32.42
C PRO A 113 1.80 -1.43 33.32
N PHE A 114 1.20 -0.27 33.15
CA PHE A 114 0.08 0.18 33.93
C PHE A 114 -1.28 -0.26 33.38
N CYS A 115 -1.33 -1.15 32.38
CA CYS A 115 -2.62 -1.60 31.88
C CYS A 115 -3.28 -2.52 32.88
N LYS A 116 -4.61 -2.47 32.93
CA LYS A 116 -5.37 -3.44 33.72
C LYS A 116 -5.26 -4.79 33.02
N LYS A 117 -5.27 -5.88 33.74
CA LYS A 117 -5.16 -7.22 33.20
C LYS A 117 -6.32 -7.57 32.26
N ALA A 118 -5.99 -8.34 31.24
CA ALA A 118 -6.97 -8.73 30.23
C ALA A 118 -7.78 -9.96 30.66
N ASP A 119 -8.98 -10.05 30.09
CA ASP A 119 -9.79 -11.25 30.30
C ASP A 119 -9.15 -12.43 29.58
N LYS A 120 -9.51 -13.64 30.00
CA LYS A 120 -8.97 -14.82 29.30
C LYS A 120 -9.42 -14.76 27.84
N CYS A 121 -8.62 -15.32 26.93
CA CYS A 121 -9.11 -15.30 25.54
C CYS A 121 -10.32 -16.26 25.50
N SER B 1 3.30 15.69 -7.78
CA SER B 1 4.74 15.55 -8.23
C SER B 1 5.12 14.09 -8.29
N LEU B 2 6.33 13.74 -8.68
CA LEU B 2 6.82 12.38 -8.62
C LEU B 2 6.60 11.71 -7.28
N PHE B 3 6.69 12.40 -6.12
CA PHE B 3 6.50 11.70 -4.85
C PHE B 3 5.08 11.17 -4.72
N GLU B 4 4.07 11.99 -5.09
CA GLU B 4 2.70 11.50 -4.95
C GLU B 4 2.46 10.33 -5.97
N LEU B 5 2.91 10.54 -7.21
CA LEU B 5 2.76 9.53 -8.25
C LEU B 5 3.36 8.22 -7.77
N GLY B 6 4.60 8.20 -7.25
CA GLY B 6 5.22 6.93 -6.85
C GLY B 6 4.42 6.28 -5.73
N LYS B 7 4.02 7.13 -4.78
CA LYS B 7 3.25 6.51 -3.64
C LYS B 7 1.96 5.87 -4.08
N MET B 8 1.21 6.52 -4.99
CA MET B 8 -0.03 5.96 -5.52
C MET B 8 0.24 4.61 -6.21
N ILE B 9 1.34 4.52 -6.96
CA ILE B 9 1.63 3.28 -7.71
C ILE B 9 1.94 2.23 -6.70
N LEU B 10 2.71 2.57 -5.62
CA LEU B 10 3.01 1.53 -4.60
C LEU B 10 1.71 1.10 -3.94
N GLN B 11 0.86 2.07 -3.61
CA GLN B 11 -0.38 1.66 -2.85
C GLN B 11 -1.26 0.76 -3.70
N GLU B 12 -1.43 1.09 -4.97
CA GLU B 12 -2.28 0.24 -5.82
C GLU B 12 -1.64 -1.09 -6.15
N THR B 13 -0.41 -1.06 -6.74
CA THR B 13 0.24 -2.32 -7.18
C THR B 13 0.96 -3.11 -6.12
N GLY B 14 1.40 -2.49 -5.02
CA GLY B 14 2.21 -3.20 -4.02
C GLY B 14 3.66 -3.28 -4.55
N LYS B 15 4.07 -2.70 -5.65
CA LYS B 15 5.40 -2.83 -6.22
C LYS B 15 6.19 -1.54 -6.10
N ASN B 16 7.51 -1.67 -5.96
CA ASN B 16 8.40 -0.50 -5.87
C ASN B 16 8.27 0.18 -7.21
N PRO B 17 7.80 1.41 -7.29
CA PRO B 17 7.52 2.06 -8.55
C PRO B 17 8.74 2.43 -9.39
N ALA B 18 9.80 2.88 -8.70
CA ALA B 18 10.99 3.31 -9.39
C ALA B 18 11.58 2.16 -10.19
N LYS B 19 11.71 1.04 -9.53
CA LYS B 19 12.25 -0.17 -10.08
C LYS B 19 11.33 -0.80 -11.14
N SER B 20 10.03 -0.95 -10.82
CA SER B 20 9.17 -1.61 -11.80
C SER B 20 8.77 -0.76 -12.99
N TYR B 21 8.61 0.54 -12.84
CA TYR B 21 8.07 1.40 -13.84
C TYR B 21 8.90 2.59 -14.17
N GLY B 22 10.03 2.82 -13.44
CA GLY B 22 10.84 4.02 -13.76
C GLY B 22 11.50 4.03 -15.13
N ALA B 23 11.64 2.90 -15.79
CA ALA B 23 12.14 2.93 -17.18
C ALA B 23 11.41 1.92 -18.06
N TYR B 24 10.18 1.52 -17.73
CA TYR B 24 9.47 0.46 -18.42
C TYR B 24 9.01 0.85 -19.83
N GLY B 25 9.29 -0.03 -20.78
CA GLY B 25 8.84 0.13 -22.17
C GLY B 25 9.18 1.45 -22.78
N CYS B 26 8.40 1.94 -23.72
CA CYS B 26 8.68 3.21 -24.38
C CYS B 26 8.05 4.40 -23.71
N ASN B 27 7.17 4.23 -22.69
CA ASN B 27 6.42 5.38 -22.16
C ASN B 27 6.43 5.53 -20.65
N CYS B 28 6.76 4.51 -19.90
CA CYS B 28 6.70 4.62 -18.46
C CYS B 28 7.98 5.27 -17.92
N GLY B 29 7.78 6.25 -17.05
CA GLY B 29 8.92 6.82 -16.34
C GLY B 29 9.56 7.96 -17.06
N VAL B 30 10.89 7.87 -17.11
CA VAL B 30 11.72 8.93 -17.69
C VAL B 30 11.42 9.09 -19.17
N LEU B 31 11.71 10.26 -19.72
CA LEU B 31 11.66 10.53 -21.15
C LEU B 31 10.24 10.73 -21.62
N GLY B 32 9.97 10.82 -22.92
CA GLY B 32 8.60 11.09 -23.37
C GLY B 32 7.90 9.77 -23.69
N ARG B 33 7.17 9.84 -24.79
CA ARG B 33 6.39 8.74 -25.32
C ARG B 33 7.02 8.06 -26.53
N GLY B 34 6.52 6.89 -26.84
CA GLY B 34 6.87 6.15 -28.06
C GLY B 34 5.74 5.16 -28.29
N LYS B 35 5.82 4.37 -29.34
CA LYS B 35 4.84 3.30 -29.57
C LYS B 35 4.85 2.34 -28.39
N PRO B 36 3.68 2.09 -27.79
CA PRO B 36 3.60 1.21 -26.66
C PRO B 36 4.00 -0.21 -26.92
N LYS B 37 4.65 -0.87 -25.96
CA LYS B 37 4.95 -2.28 -26.14
C LYS B 37 3.85 -3.19 -25.70
N ASP B 38 3.04 -2.83 -24.69
CA ASP B 38 2.06 -3.73 -24.13
C ASP B 38 1.07 -2.84 -23.37
N ALA B 39 0.17 -3.46 -22.60
CA ALA B 39 -0.90 -2.68 -21.93
C ALA B 39 -0.34 -1.85 -20.75
N THR B 40 0.64 -2.39 -20.01
CA THR B 40 1.28 -1.54 -18.97
C THR B 40 1.82 -0.29 -19.64
N ASP B 41 2.55 -0.46 -20.77
CA ASP B 41 3.15 0.69 -21.46
C ASP B 41 2.08 1.64 -21.97
N ARG B 42 0.96 1.10 -22.47
CA ARG B 42 -0.15 1.98 -22.95
C ARG B 42 -0.73 2.77 -21.78
N CYS B 43 -0.81 2.17 -20.59
CA CYS B 43 -1.25 3.03 -19.43
C CYS B 43 -0.40 4.27 -19.29
N CYS B 44 0.95 4.13 -19.40
CA CYS B 44 1.89 5.25 -19.27
C CYS B 44 1.84 6.17 -20.45
N TYR B 45 1.48 5.70 -21.64
CA TYR B 45 1.22 6.54 -22.81
C TYR B 45 0.03 7.45 -22.53
N VAL B 46 -1.07 6.90 -22.00
CA VAL B 46 -2.29 7.70 -21.70
C VAL B 46 -2.03 8.77 -20.65
N HIS B 47 -1.28 8.32 -19.67
CA HIS B 47 -0.81 9.20 -18.58
C HIS B 47 -0.03 10.38 -19.06
N LYS B 48 1.00 10.20 -19.93
CA LYS B 48 1.73 11.33 -20.46
C LYS B 48 0.90 12.24 -21.33
N CYS B 49 -0.05 11.72 -22.12
CA CYS B 49 -1.01 12.55 -22.84
C CYS B 49 -1.91 13.28 -21.84
N CYS B 50 -2.22 12.68 -20.68
CA CYS B 50 -2.99 13.35 -19.64
C CYS B 50 -2.21 14.56 -19.15
N TYR B 51 -0.88 14.40 -19.04
CA TYR B 51 -0.07 15.55 -18.62
C TYR B 51 -0.03 16.71 -19.60
N LYS B 52 -0.17 16.49 -20.90
CA LYS B 52 -0.13 17.53 -21.89
C LYS B 52 -1.23 18.57 -21.74
N LYS B 53 -2.38 18.28 -21.19
CA LYS B 53 -3.44 19.25 -20.95
C LYS B 53 -3.07 20.19 -19.82
N LEU B 54 -2.15 19.85 -18.92
CA LEU B 54 -1.85 20.67 -17.76
C LEU B 54 -0.88 21.78 -18.03
N THR B 55 -0.99 22.97 -18.58
CA THR B 55 0.17 23.83 -18.79
C THR B 55 0.29 24.77 -17.60
N GLY B 56 -0.70 24.80 -16.68
CA GLY B 56 -0.55 25.72 -15.58
C GLY B 56 0.13 25.24 -14.33
N CYS B 57 0.67 24.03 -14.27
CA CYS B 57 1.33 23.50 -13.07
C CYS B 57 2.39 22.49 -13.53
N ASN B 58 3.24 22.02 -12.65
CA ASN B 58 4.39 21.18 -13.02
C ASN B 58 4.18 19.77 -12.52
N PRO B 59 3.92 18.84 -13.43
CA PRO B 59 3.61 17.47 -13.08
C PRO B 59 4.73 16.78 -12.31
N LYS B 60 5.99 17.10 -12.63
CA LYS B 60 7.13 16.54 -11.95
C LYS B 60 7.36 17.09 -10.56
N LYS B 61 7.27 18.40 -10.35
CA LYS B 61 7.60 18.96 -9.04
C LYS B 61 6.48 19.49 -8.19
N ASP B 62 5.31 19.85 -8.72
CA ASP B 62 4.30 20.39 -7.80
C ASP B 62 3.65 19.33 -6.93
N ARG B 63 3.64 19.50 -5.61
CA ARG B 63 2.99 18.59 -4.69
C ARG B 63 1.49 18.86 -4.68
N TYR B 64 0.69 17.90 -4.23
CA TYR B 64 -0.75 18.16 -4.15
C TYR B 64 -1.25 17.26 -3.05
N SER B 65 -2.49 17.38 -2.55
CA SER B 65 -2.84 16.37 -1.54
C SER B 65 -3.87 15.39 -2.06
N TYR B 66 -3.82 14.21 -1.41
CA TYR B 66 -4.75 13.14 -1.72
C TYR B 66 -4.69 12.23 -0.49
N SER B 67 -5.64 11.35 -0.33
CA SER B 67 -5.56 10.41 0.77
C SER B 67 -5.93 9.04 0.26
N TRP B 68 -5.51 8.05 1.00
CA TRP B 68 -5.77 6.62 0.75
C TRP B 68 -6.87 6.29 1.75
N LYS B 69 -8.09 6.26 1.29
CA LYS B 69 -9.28 6.12 2.09
C LYS B 69 -10.04 4.90 1.67
N ASP B 70 -10.16 3.90 2.55
CA ASP B 70 -10.69 2.59 2.28
C ASP B 70 -10.15 2.04 0.95
N LYS B 71 -8.80 2.04 0.90
CA LYS B 71 -8.01 1.53 -0.19
C LYS B 71 -8.41 2.10 -1.53
N THR B 72 -8.62 3.43 -1.56
CA THR B 72 -8.94 4.07 -2.83
C THR B 72 -8.24 5.42 -2.77
N ILE B 73 -7.74 5.83 -3.94
CA ILE B 73 -7.10 7.12 -4.03
C ILE B 73 -8.16 8.20 -4.10
N VAL B 74 -8.15 9.17 -3.17
CA VAL B 74 -9.08 10.27 -3.28
C VAL B 74 -8.35 11.61 -3.35
N CYS B 75 -8.44 12.23 -4.51
CA CYS B 75 -7.81 13.50 -4.78
C CYS B 75 -8.39 14.60 -3.91
N GLY B 76 -7.54 15.31 -3.18
CA GLY B 76 -8.01 16.42 -2.37
C GLY B 76 -8.40 17.58 -3.27
N GLU B 77 -9.00 18.59 -2.64
CA GLU B 77 -9.45 19.80 -3.34
C GLU B 77 -8.36 20.48 -4.14
N ASN B 78 -7.31 21.01 -3.54
CA ASN B 78 -6.26 21.70 -4.28
C ASN B 78 -6.85 22.65 -5.33
N ASN B 79 -6.00 23.22 -6.19
CA ASN B 79 -6.46 24.12 -7.23
C ASN B 79 -6.80 23.32 -8.49
N PRO B 80 -7.39 23.97 -9.49
CA PRO B 80 -7.77 23.36 -10.73
C PRO B 80 -6.71 22.49 -11.41
N CYS B 81 -5.52 23.04 -11.65
CA CYS B 81 -4.45 22.29 -12.27
C CYS B 81 -3.94 21.13 -11.41
N LEU B 82 -3.74 21.29 -10.12
CA LEU B 82 -3.26 20.21 -9.28
C LEU B 82 -4.28 19.08 -9.14
N LYS B 83 -5.56 19.39 -9.30
CA LYS B 83 -6.63 18.42 -9.17
C LYS B 83 -6.62 17.47 -10.36
N GLU B 84 -6.44 18.05 -11.53
CA GLU B 84 -6.38 17.31 -12.78
C GLU B 84 -5.10 16.46 -12.78
N LEU B 85 -4.04 17.03 -12.22
CA LEU B 85 -2.76 16.38 -12.10
C LEU B 85 -2.95 15.11 -11.25
N CYS B 86 -3.62 15.27 -10.12
CA CYS B 86 -3.85 14.17 -9.19
C CYS B 86 -4.67 13.10 -9.92
N GLU B 87 -5.70 13.53 -10.68
CA GLU B 87 -6.56 12.66 -11.43
C GLU B 87 -5.75 11.93 -12.53
N CYS B 88 -4.83 12.54 -13.26
CA CYS B 88 -4.00 11.79 -14.17
C CYS B 88 -3.23 10.71 -13.43
N ASP B 89 -2.63 11.07 -12.29
CA ASP B 89 -1.80 10.15 -11.53
C ASP B 89 -2.59 9.02 -10.98
N LYS B 90 -3.82 9.32 -10.50
CA LYS B 90 -4.63 8.23 -9.91
C LYS B 90 -4.96 7.20 -10.98
N ALA B 91 -5.36 7.68 -12.18
CA ALA B 91 -5.75 6.73 -13.25
C ALA B 91 -4.56 5.88 -13.72
N VAL B 92 -3.32 6.41 -13.82
CA VAL B 92 -2.19 5.54 -14.24
C VAL B 92 -1.93 4.49 -13.21
N ALA B 93 -2.06 4.87 -11.90
CA ALA B 93 -1.80 3.85 -10.86
C ALA B 93 -2.78 2.70 -10.92
N ILE B 94 -4.05 3.01 -11.15
CA ILE B 94 -5.09 2.00 -11.29
C ILE B 94 -4.80 1.18 -12.56
N CYS B 95 -4.55 1.85 -13.67
CA CYS B 95 -4.22 1.09 -14.90
C CYS B 95 -3.03 0.15 -14.73
N LEU B 96 -1.95 0.62 -14.12
CA LEU B 96 -0.78 -0.25 -13.91
C LEU B 96 -1.19 -1.41 -13.06
N ARG B 97 -2.07 -1.21 -12.04
CA ARG B 97 -2.44 -2.40 -11.25
C ARG B 97 -3.29 -3.42 -12.03
N GLU B 98 -4.20 -2.86 -12.84
CA GLU B 98 -5.11 -3.69 -13.66
C GLU B 98 -4.34 -4.57 -14.64
N ASN B 99 -3.19 -4.13 -15.15
CA ASN B 99 -2.44 -4.84 -16.14
C ASN B 99 -1.20 -5.56 -15.65
N LEU B 100 -1.21 -5.82 -14.35
CA LEU B 100 -0.08 -6.52 -13.74
C LEU B 100 0.05 -7.94 -14.29
N GLY B 101 -1.04 -8.56 -14.72
CA GLY B 101 -1.08 -9.91 -15.24
C GLY B 101 -0.16 -10.05 -16.46
N THR B 102 0.04 -9.00 -17.29
CA THR B 102 0.86 -9.05 -18.44
C THR B 102 2.18 -8.29 -18.30
N TYR B 103 2.54 -7.80 -17.11
CA TYR B 103 3.77 -7.05 -16.91
C TYR B 103 4.95 -7.94 -17.41
N ASN B 104 5.82 -7.43 -18.25
CA ASN B 104 6.95 -8.22 -18.72
C ASN B 104 8.30 -7.67 -18.26
N LYS B 105 9.06 -8.42 -17.49
CA LYS B 105 10.36 -8.03 -16.98
C LYS B 105 11.38 -7.67 -18.06
N LYS B 106 11.21 -8.22 -19.25
CA LYS B 106 12.07 -7.85 -20.36
C LYS B 106 11.93 -6.40 -20.76
N TYR B 107 10.89 -5.65 -20.41
CA TYR B 107 10.82 -4.24 -20.77
C TYR B 107 11.13 -3.34 -19.57
N ARG B 108 11.41 -3.96 -18.42
CA ARG B 108 11.65 -3.16 -17.21
C ARG B 108 12.71 -2.07 -17.41
N TYR B 109 13.86 -2.39 -18.01
CA TYR B 109 14.88 -1.37 -18.27
C TYR B 109 15.00 -1.18 -19.77
N HIS B 110 13.96 -0.64 -20.40
CA HIS B 110 13.91 -0.54 -21.84
C HIS B 110 14.84 0.51 -22.42
N LEU B 111 15.43 0.21 -23.60
CA LEU B 111 16.27 1.24 -24.24
C LEU B 111 15.37 2.18 -25.00
N LYS B 112 14.98 3.30 -24.37
CA LYS B 112 13.99 4.22 -24.93
C LYS B 112 14.36 4.91 -26.21
N PRO B 113 15.62 5.33 -26.40
CA PRO B 113 16.05 5.94 -27.65
C PRO B 113 15.78 5.10 -28.88
N PHE B 114 15.66 3.79 -28.84
CA PHE B 114 15.28 3.00 -30.01
C PHE B 114 13.77 2.82 -30.16
N CYS B 115 12.92 3.51 -29.41
CA CYS B 115 11.48 3.36 -29.57
C CYS B 115 11.01 4.02 -30.85
N LYS B 116 10.01 3.41 -31.48
CA LYS B 116 9.36 4.05 -32.63
C LYS B 116 8.61 5.27 -32.11
N LYS B 117 8.47 6.31 -32.91
CA LYS B 117 7.79 7.53 -32.54
C LYS B 117 6.31 7.28 -32.26
N ALA B 118 5.80 8.02 -31.27
CA ALA B 118 4.41 7.92 -30.87
C ALA B 118 3.48 8.75 -31.75
N ASP B 119 2.23 8.30 -31.81
CA ASP B 119 1.18 9.06 -32.49
C ASP B 119 0.89 10.33 -31.71
N LYS B 120 0.29 11.31 -32.36
CA LYS B 120 -0.07 12.53 -31.63
C LYS B 120 -1.05 12.15 -30.52
N CYS B 121 -1.05 12.89 -29.42
CA CYS B 121 -2.05 12.59 -28.40
C CYS B 121 -3.41 13.03 -28.98
#